data_1Q3F
#
_entry.id   1Q3F
#
_cell.length_a   48.640
_cell.length_b   65.890
_cell.length_c   99.410
_cell.angle_alpha   90.00
_cell.angle_beta   90.00
_cell.angle_gamma   90.00
#
_symmetry.space_group_name_H-M   'P 21 21 21'
#
loop_
_entity.id
_entity.type
_entity.pdbx_description
1 polymer "5'-D(*TP*GP*TP*(NRI)P*AP*TP*CP*TP*T)-3'"
2 polymer "5'-D(*AP*AP*AP*GP*AP*TP*AP*AP*CP*A)-3'"
3 polymer 'Uracil-DNA glycosylase'
4 non-polymer URACIL
5 non-polymer 'PHOSPHATE ION'
6 water water
#
loop_
_entity_poly.entity_id
_entity_poly.type
_entity_poly.pdbx_seq_one_letter_code
_entity_poly.pdbx_strand_id
1 'polydeoxyribonucleotide' (DT)(DG)(DT)(NRI)(DA)(DT)(DC)(DT)(DT) B
2 'polydeoxyribonucleotide' (DA)(DA)(DA)(DG)(DA)(DT)(DA)(DA)(DC)(DA) C
3 'polypeptide(L)'
;MEFFGESWKKHLSGEFGKPYFIKLMGFVAEERKHYTVYPPPHQVFTWTQMCDIKDVKVVILGQDPYHGPNQAHGLCFSVQ
RPVPPPPSLENIYKELSTDIEDFVHPGHGDLSGWAKQGVLLLNAVLTVRAHQANSHKERGWEQFTDAVVSWLNQNSNGLV
FLLWGSYAQKKGSAIDRKRHHVLQTAHPSPLSVYRGFFGCRHFSKTNELLQKSGKKPIDWKEL
;
A
#
loop_
_chem_comp.id
_chem_comp.type
_chem_comp.name
_chem_comp.formula
DA DNA linking 2'-DEOXYADENOSINE-5'-MONOPHOSPHATE 'C10 H14 N5 O6 P'
DC DNA linking 2'-DEOXYCYTIDINE-5'-MONOPHOSPHATE 'C9 H14 N3 O7 P'
DG DNA linking 2'-DEOXYGUANOSINE-5'-MONOPHOSPHATE 'C10 H14 N5 O7 P'
DT DNA linking THYMIDINE-5'-MONOPHOSPHATE 'C10 H15 N2 O8 P'
NRI DNA linking 'PHOSPHORIC ACID MONO-(4-HYDROXY-PYRROLIDIN-3-YLMETHYL) ESTER' 'C5 H12 N O5 P'
PO4 non-polymer 'PHOSPHATE ION' 'O4 P -3'
URA non-polymer URACIL 'C4 H4 N2 O2'
#
# COMPACT_ATOMS: atom_id res chain seq x y z
P NRI A 4 8.85 -11.12 0.30
O1P NRI A 4 9.31 -9.71 0.51
O2P NRI A 4 8.63 -11.99 1.48
O5' NRI A 4 7.50 -11.14 -0.56
C2' NRI A 4 4.77 -9.18 -3.64
C5' NRI A 4 7.34 -10.36 -1.75
C4' NRI A 4 6.13 -10.73 -2.42
C3' NRI A 4 6.04 -10.01 -3.79
C6' NRI A 4 4.91 -10.19 -1.68
N1' NRI A 4 3.98 -10.10 -2.82
O3' NRI A 4 5.96 -10.95 -4.86
N MET C 1 -16.78 -6.68 12.67
CA MET C 1 -17.19 -5.25 12.49
C MET C 1 -15.99 -4.29 12.58
N GLU C 2 -16.21 -3.05 12.15
CA GLU C 2 -15.20 -1.99 12.16
C GLU C 2 -13.88 -2.34 11.52
N PHE C 3 -13.92 -3.07 10.40
CA PHE C 3 -12.71 -3.42 9.67
C PHE C 3 -12.33 -2.19 8.84
N PHE C 4 -13.36 -1.43 8.46
CA PHE C 4 -13.18 -0.20 7.68
C PHE C 4 -13.17 1.03 8.58
N GLY C 5 -12.25 1.96 8.31
CA GLY C 5 -12.22 3.20 9.06
C GLY C 5 -13.44 3.98 8.57
N GLU C 6 -14.09 4.70 9.45
CA GLU C 6 -15.31 5.45 9.11
C GLU C 6 -15.32 6.28 7.83
N SER C 7 -14.33 7.14 7.64
CA SER C 7 -14.29 7.99 6.46
C SER C 7 -14.05 7.21 5.17
N TRP C 8 -13.38 6.05 5.29
CA TRP C 8 -13.09 5.22 4.14
C TRP C 8 -14.34 4.47 3.70
N LYS C 9 -15.05 3.91 4.67
CA LYS C 9 -16.28 3.18 4.40
C LYS C 9 -17.33 4.12 3.81
N LYS C 10 -17.33 5.37 4.28
CA LYS C 10 -18.27 6.37 3.80
C LYS C 10 -18.11 6.68 2.31
N HIS C 11 -16.87 6.70 1.83
CA HIS C 11 -16.61 7.02 0.43
C HIS C 11 -16.39 5.82 -0.49
N LEU C 12 -16.36 4.62 0.06
CA LEU C 12 -16.14 3.41 -0.74
C LEU C 12 -17.33 2.47 -0.65
N SER C 13 -18.25 2.76 0.26
CA SER C 13 -19.44 1.94 0.47
C SER C 13 -20.21 1.62 -0.81
N GLY C 14 -20.14 2.52 -1.79
CA GLY C 14 -20.84 2.30 -3.05
C GLY C 14 -20.40 1.07 -3.83
N GLU C 15 -19.25 0.52 -3.45
CA GLU C 15 -18.72 -0.67 -4.10
C GLU C 15 -19.29 -1.93 -3.47
N PHE C 16 -19.67 -1.84 -2.21
CA PHE C 16 -20.17 -2.98 -1.46
C PHE C 16 -21.32 -3.76 -2.08
N GLY C 17 -22.26 -3.04 -2.71
CA GLY C 17 -23.40 -3.69 -3.33
C GLY C 17 -23.19 -4.14 -4.77
N LYS C 18 -22.03 -3.84 -5.35
CA LYS C 18 -21.75 -4.21 -6.73
C LYS C 18 -21.45 -5.71 -6.86
N PRO C 19 -21.93 -6.33 -7.95
CA PRO C 19 -21.71 -7.76 -8.19
C PRO C 19 -20.26 -8.21 -8.08
N TYR C 20 -19.33 -7.45 -8.64
CA TYR C 20 -17.93 -7.82 -8.60
C TYR C 20 -17.39 -7.91 -7.17
N PHE C 21 -17.87 -7.03 -6.28
CA PHE C 21 -17.42 -7.04 -4.89
C PHE C 21 -18.03 -8.21 -4.12
N ILE C 22 -19.33 -8.43 -4.33
CA ILE C 22 -20.02 -9.53 -3.67
C ILE C 22 -19.32 -10.83 -4.09
N LYS C 23 -18.99 -10.94 -5.37
CA LYS C 23 -18.34 -12.14 -5.88
C LYS C 23 -16.88 -12.22 -5.44
N LEU C 24 -16.25 -11.06 -5.24
CA LEU C 24 -14.86 -11.02 -4.78
C LEU C 24 -14.80 -11.57 -3.33
N MET C 25 -15.64 -11.03 -2.45
CA MET C 25 -15.68 -11.47 -1.06
C MET C 25 -16.10 -12.93 -0.99
N GLY C 26 -16.92 -13.36 -1.95
CA GLY C 26 -17.36 -14.74 -1.99
C GLY C 26 -16.19 -15.64 -2.31
N PHE C 27 -15.34 -15.20 -3.23
CA PHE C 27 -14.16 -15.96 -3.63
C PHE C 27 -13.17 -16.08 -2.46
N VAL C 28 -12.86 -14.96 -1.81
CA VAL C 28 -11.92 -14.98 -0.68
C VAL C 28 -12.41 -15.91 0.43
N ALA C 29 -13.72 -15.91 0.68
CA ALA C 29 -14.34 -16.75 1.71
C ALA C 29 -14.17 -18.24 1.36
N GLU C 30 -14.40 -18.59 0.10
CA GLU C 30 -14.27 -19.96 -0.38
C GLU C 30 -12.81 -20.40 -0.23
N GLU C 31 -11.89 -19.48 -0.52
CA GLU C 31 -10.45 -19.73 -0.42
C GLU C 31 -10.04 -20.02 1.02
N ARG C 32 -10.51 -19.19 1.95
CA ARG C 32 -10.17 -19.37 3.35
C ARG C 32 -10.65 -20.71 3.90
N LYS C 33 -11.61 -21.33 3.20
CA LYS C 33 -12.13 -22.61 3.65
C LYS C 33 -11.26 -23.79 3.19
N HIS C 34 -10.45 -23.57 2.17
CA HIS C 34 -9.60 -24.65 1.65
C HIS C 34 -8.12 -24.37 1.79
N TYR C 35 -7.76 -23.09 1.88
CA TYR C 35 -6.34 -22.72 2.02
C TYR C 35 -6.20 -21.67 3.10
N THR C 36 -4.96 -21.29 3.35
CA THR C 36 -4.67 -20.24 4.32
C THR C 36 -4.47 -18.99 3.48
N VAL C 37 -5.28 -17.98 3.75
CA VAL C 37 -5.22 -16.71 3.02
C VAL C 37 -4.71 -15.60 3.95
N TYR C 38 -3.86 -14.73 3.40
CA TYR C 38 -3.29 -13.63 4.18
C TYR C 38 -3.69 -12.28 3.56
N PRO C 39 -3.92 -11.28 4.43
CA PRO C 39 -3.80 -11.37 5.88
C PRO C 39 -5.11 -11.93 6.46
N PRO C 40 -5.20 -12.04 7.79
CA PRO C 40 -6.46 -12.56 8.32
C PRO C 40 -7.59 -11.56 7.99
N PRO C 41 -8.84 -12.03 7.88
CA PRO C 41 -9.99 -11.17 7.56
C PRO C 41 -10.12 -9.83 8.26
N HIS C 42 -9.86 -9.78 9.56
CA HIS C 42 -9.99 -8.52 10.28
C HIS C 42 -8.88 -7.53 10.00
N GLN C 43 -7.89 -7.93 9.19
CA GLN C 43 -6.77 -7.05 8.86
C GLN C 43 -6.63 -6.72 7.37
N VAL C 44 -7.53 -7.24 6.55
CA VAL C 44 -7.47 -6.99 5.12
C VAL C 44 -7.57 -5.50 4.80
N PHE C 45 -8.27 -4.75 5.67
CA PHE C 45 -8.50 -3.32 5.47
C PHE C 45 -7.85 -2.41 6.51
N THR C 46 -6.77 -2.88 7.12
CA THR C 46 -6.05 -2.08 8.13
C THR C 46 -5.65 -0.72 7.54
N TRP C 47 -5.42 -0.69 6.23
CA TRP C 47 -5.00 0.52 5.54
C TRP C 47 -6.02 1.66 5.57
N THR C 48 -7.21 1.38 6.10
CA THR C 48 -8.27 2.40 6.21
C THR C 48 -8.39 2.86 7.67
N GLN C 49 -7.62 2.22 8.55
CA GLN C 49 -7.66 2.51 9.99
C GLN C 49 -6.58 3.42 10.57
N MET C 50 -5.71 3.96 9.72
CA MET C 50 -4.59 4.78 10.19
C MET C 50 -4.75 6.31 10.16
N CYS C 51 -5.60 6.80 9.28
CA CYS C 51 -5.84 8.23 9.15
C CYS C 51 -7.14 8.43 8.38
N ASP C 52 -7.67 9.64 8.41
CA ASP C 52 -8.90 9.95 7.69
C ASP C 52 -8.55 9.93 6.20
N ILE C 53 -9.49 9.48 5.37
CA ILE C 53 -9.23 9.41 3.93
C ILE C 53 -8.89 10.78 3.35
N LYS C 54 -9.47 11.84 3.92
CA LYS C 54 -9.20 13.18 3.42
C LYS C 54 -7.82 13.68 3.85
N ASP C 55 -7.14 12.93 4.72
CA ASP C 55 -5.81 13.32 5.18
C ASP C 55 -4.66 12.57 4.50
N VAL C 56 -4.97 11.80 3.46
CA VAL C 56 -3.94 11.07 2.72
C VAL C 56 -3.15 12.09 1.89
N LYS C 57 -1.83 11.98 1.93
CA LYS C 57 -0.94 12.89 1.20
C LYS C 57 -0.03 12.14 0.24
N VAL C 58 0.28 10.90 0.60
CA VAL C 58 1.17 10.05 -0.19
C VAL C 58 0.55 8.67 -0.26
N VAL C 59 0.71 8.01 -1.40
CA VAL C 59 0.18 6.67 -1.56
C VAL C 59 1.28 5.76 -2.06
N ILE C 60 1.54 4.70 -1.33
CA ILE C 60 2.52 3.72 -1.73
C ILE C 60 1.68 2.51 -2.16
N LEU C 61 1.78 2.16 -3.44
CA LEU C 61 1.01 1.03 -3.96
C LEU C 61 1.94 -0.12 -4.31
N GLY C 62 1.71 -1.27 -3.68
CA GLY C 62 2.50 -2.46 -3.95
C GLY C 62 1.62 -3.41 -4.75
N GLN C 63 2.10 -4.64 -4.92
CA GLN C 63 1.39 -5.66 -5.70
C GLN C 63 0.33 -6.44 -4.92
N ASP C 64 0.77 -7.23 -3.94
CA ASP C 64 -0.13 -8.02 -3.11
C ASP C 64 0.59 -8.35 -1.81
N PRO C 65 -0.15 -8.73 -0.75
CA PRO C 65 0.41 -9.05 0.58
C PRO C 65 1.53 -10.09 0.71
N TYR C 66 2.21 -10.02 1.86
CA TYR C 66 3.26 -10.99 2.16
C TYR C 66 2.46 -12.29 2.23
N HIS C 67 3.05 -13.38 1.74
CA HIS C 67 2.37 -14.66 1.70
C HIS C 67 2.90 -15.68 2.70
N GLY C 68 3.62 -15.20 3.71
CA GLY C 68 4.16 -16.08 4.73
C GLY C 68 3.35 -15.97 6.02
N PRO C 69 3.47 -16.95 6.93
CA PRO C 69 2.73 -16.91 8.19
C PRO C 69 3.02 -15.70 9.08
N ASN C 70 1.97 -15.01 9.50
CA ASN C 70 2.11 -13.89 10.43
C ASN C 70 2.79 -12.64 9.87
N GLN C 71 2.90 -12.51 8.55
CA GLN C 71 3.55 -11.34 7.97
C GLN C 71 2.60 -10.21 7.64
N ALA C 72 1.80 -10.38 6.58
CA ALA C 72 0.85 -9.35 6.15
C ALA C 72 -0.19 -9.00 7.21
N HIS C 73 -0.47 -7.70 7.37
CA HIS C 73 -1.49 -7.28 8.34
C HIS C 73 -2.34 -6.11 7.82
N GLY C 74 -2.37 -5.92 6.50
CA GLY C 74 -3.19 -4.87 5.93
C GLY C 74 -2.55 -3.59 5.43
N LEU C 75 -1.30 -3.36 5.81
CA LEU C 75 -0.54 -2.20 5.38
C LEU C 75 0.56 -2.78 4.49
N CYS C 76 0.69 -2.27 3.26
CA CYS C 76 1.69 -2.82 2.35
C CYS C 76 3.11 -2.76 2.89
N PHE C 77 3.85 -3.87 2.70
CA PHE C 77 5.24 -4.02 3.11
C PHE C 77 5.53 -4.05 4.62
N SER C 78 4.49 -3.86 5.41
CA SER C 78 4.60 -3.84 6.87
C SER C 78 4.38 -5.19 7.55
N VAL C 79 5.01 -5.36 8.71
CA VAL C 79 4.87 -6.57 9.53
C VAL C 79 4.90 -6.13 11.00
N GLN C 80 3.95 -6.63 11.78
CA GLN C 80 3.85 -6.27 13.19
C GLN C 80 4.90 -6.95 14.05
N ARG C 81 5.33 -6.30 15.12
CA ARG C 81 6.32 -6.89 16.01
C ARG C 81 5.71 -8.18 16.55
N PRO C 82 6.55 -9.20 16.82
CA PRO C 82 8.00 -9.21 16.69
C PRO C 82 8.50 -9.71 15.32
N VAL C 83 7.59 -9.90 14.37
CA VAL C 83 7.94 -10.38 13.04
C VAL C 83 9.06 -9.56 12.40
N PRO C 84 10.14 -10.23 11.98
CA PRO C 84 11.24 -9.48 11.36
C PRO C 84 10.88 -9.01 9.95
N PRO C 85 11.39 -7.83 9.55
CA PRO C 85 11.12 -7.27 8.21
C PRO C 85 11.42 -8.29 7.12
N PRO C 86 10.44 -8.58 6.24
CA PRO C 86 10.67 -9.55 5.16
C PRO C 86 11.66 -8.98 4.14
N PRO C 87 12.11 -9.80 3.16
CA PRO C 87 13.06 -9.31 2.16
C PRO C 87 12.70 -7.98 1.52
N SER C 88 11.45 -7.82 1.09
CA SER C 88 11.02 -6.57 0.46
C SER C 88 11.24 -5.35 1.33
N LEU C 89 10.89 -5.46 2.61
CA LEU C 89 11.03 -4.33 3.53
C LEU C 89 12.49 -4.03 3.87
N GLU C 90 13.33 -5.05 3.94
CA GLU C 90 14.75 -4.82 4.22
C GLU C 90 15.33 -3.98 3.09
N ASN C 91 14.83 -4.23 1.88
CA ASN C 91 15.28 -3.49 0.70
C ASN C 91 14.77 -2.04 0.74
N ILE C 92 13.56 -1.84 1.24
CA ILE C 92 12.99 -0.50 1.37
C ILE C 92 13.83 0.29 2.37
N TYR C 93 14.19 -0.34 3.50
CA TYR C 93 15.02 0.30 4.52
C TYR C 93 16.41 0.59 3.97
N LYS C 94 16.91 -0.32 3.14
CA LYS C 94 18.22 -0.15 2.55
C LYS C 94 18.25 1.10 1.66
N GLU C 95 17.18 1.32 0.90
CA GLU C 95 17.07 2.50 0.04
C GLU C 95 16.89 3.76 0.91
N LEU C 96 16.05 3.66 1.94
CA LEU C 96 15.80 4.78 2.85
C LEU C 96 17.09 5.28 3.53
N SER C 97 17.99 4.37 3.85
CA SER C 97 19.25 4.71 4.51
C SER C 97 20.18 5.52 3.60
N THR C 98 20.16 5.22 2.31
CA THR C 98 21.00 5.97 1.37
C THR C 98 20.29 7.22 0.89
N ASP C 99 18.96 7.21 0.93
CA ASP C 99 18.12 8.34 0.47
C ASP C 99 17.90 9.41 1.55
N ILE C 100 17.72 8.96 2.79
CA ILE C 100 17.48 9.87 3.92
C ILE C 100 18.69 9.71 4.87
N GLU C 101 19.49 10.76 5.01
CA GLU C 101 20.69 10.69 5.84
C GLU C 101 20.45 10.36 7.30
N ASP C 102 19.36 10.85 7.87
CA ASP C 102 19.03 10.60 9.27
C ASP C 102 18.38 9.24 9.54
N PHE C 103 17.99 8.55 8.47
CA PHE C 103 17.34 7.25 8.61
C PHE C 103 18.30 6.10 8.91
N VAL C 104 17.93 5.30 9.90
CA VAL C 104 18.69 4.11 10.29
C VAL C 104 17.65 3.03 10.53
N HIS C 105 18.01 1.77 10.27
CA HIS C 105 17.10 0.66 10.46
C HIS C 105 16.38 0.81 11.80
N PRO C 106 15.03 0.80 11.79
CA PRO C 106 14.25 0.94 13.03
C PRO C 106 14.24 -0.28 13.96
N GLY C 107 14.76 -1.41 13.50
CA GLY C 107 14.79 -2.59 14.34
C GLY C 107 13.48 -3.37 14.40
N HIS C 108 12.57 -3.04 13.49
CA HIS C 108 11.27 -3.71 13.40
C HIS C 108 10.68 -3.37 12.03
N GLY C 109 9.56 -4.01 11.68
CA GLY C 109 8.97 -3.74 10.38
C GLY C 109 7.56 -3.19 10.38
N ASP C 110 7.14 -2.56 11.48
CA ASP C 110 5.79 -1.99 11.55
C ASP C 110 5.78 -0.58 10.93
N LEU C 111 5.05 -0.42 9.82
CA LEU C 111 4.98 0.86 9.12
C LEU C 111 3.77 1.75 9.47
N SER C 112 3.10 1.45 10.58
CA SER C 112 1.94 2.23 11.02
C SER C 112 2.33 3.70 11.20
N GLY C 113 3.58 3.92 11.58
CA GLY C 113 4.08 5.27 11.78
C GLY C 113 3.92 6.14 10.56
N TRP C 114 4.21 5.58 9.38
CA TRP C 114 4.06 6.32 8.13
C TRP C 114 2.59 6.54 7.80
N ALA C 115 1.79 5.47 7.95
CA ALA C 115 0.36 5.52 7.65
C ALA C 115 -0.38 6.58 8.46
N LYS C 116 -0.02 6.71 9.72
CA LYS C 116 -0.65 7.69 10.59
C LYS C 116 -0.34 9.12 10.14
N GLN C 117 0.74 9.27 9.37
CA GLN C 117 1.14 10.57 8.85
C GLN C 117 0.47 10.90 7.51
N GLY C 118 -0.42 10.03 7.06
CA GLY C 118 -1.10 10.28 5.80
C GLY C 118 -0.53 9.55 4.59
N VAL C 119 0.25 8.50 4.86
CA VAL C 119 0.82 7.69 3.79
C VAL C 119 -0.03 6.43 3.70
N LEU C 120 -0.86 6.35 2.66
CA LEU C 120 -1.70 5.18 2.45
C LEU C 120 -0.81 4.04 1.98
N LEU C 121 -0.78 2.94 2.73
CA LEU C 121 0.03 1.78 2.39
C LEU C 121 -0.90 0.72 1.78
N LEU C 122 -1.15 0.89 0.48
CA LEU C 122 -2.05 0.04 -0.26
C LEU C 122 -1.37 -0.94 -1.21
N ASN C 123 -2.07 -2.03 -1.51
CA ASN C 123 -1.63 -3.05 -2.47
C ASN C 123 -2.74 -3.10 -3.53
N ALA C 124 -2.39 -3.42 -4.77
CA ALA C 124 -3.39 -3.52 -5.84
C ALA C 124 -4.36 -4.67 -5.55
N VAL C 125 -3.82 -5.73 -4.95
CA VAL C 125 -4.57 -6.93 -4.58
C VAL C 125 -4.42 -7.07 -3.06
N LEU C 126 -5.55 -7.18 -2.36
CA LEU C 126 -5.53 -7.22 -0.89
C LEU C 126 -5.54 -8.54 -0.14
N THR C 127 -5.50 -9.66 -0.85
CA THR C 127 -5.43 -10.96 -0.20
C THR C 127 -4.49 -11.84 -1.03
N VAL C 128 -4.01 -12.92 -0.43
CA VAL C 128 -3.11 -13.84 -1.14
C VAL C 128 -3.18 -15.20 -0.50
N ARG C 129 -3.09 -16.25 -1.32
CA ARG C 129 -3.10 -17.61 -0.81
C ARG C 129 -1.67 -17.86 -0.33
N ALA C 130 -1.54 -18.45 0.87
CA ALA C 130 -0.23 -18.73 1.45
C ALA C 130 0.80 -19.24 0.46
N HIS C 131 1.99 -18.66 0.50
CA HIS C 131 3.12 -19.06 -0.34
C HIS C 131 2.99 -18.86 -1.87
N GLN C 132 1.91 -18.24 -2.33
CA GLN C 132 1.72 -18.06 -3.77
C GLN C 132 1.47 -16.60 -4.18
N ALA C 133 2.55 -15.90 -4.52
CA ALA C 133 2.50 -14.48 -4.89
C ALA C 133 1.57 -14.15 -6.05
N ASN C 134 0.72 -13.15 -5.84
CA ASN C 134 -0.24 -12.69 -6.83
C ASN C 134 -1.27 -13.76 -7.19
N SER C 135 -1.47 -14.71 -6.29
CA SER C 135 -2.44 -15.78 -6.54
C SER C 135 -3.89 -15.28 -6.60
N HIS C 136 -4.16 -14.14 -5.97
CA HIS C 136 -5.52 -13.60 -5.95
C HIS C 136 -5.74 -12.44 -6.91
N LYS C 137 -4.90 -12.32 -7.93
CA LYS C 137 -5.04 -11.26 -8.91
C LYS C 137 -6.20 -11.57 -9.87
N GLU C 138 -6.77 -10.52 -10.45
CA GLU C 138 -7.86 -10.65 -11.42
C GLU C 138 -9.10 -11.37 -10.91
N ARG C 139 -9.40 -11.24 -9.61
CA ARG C 139 -10.58 -11.86 -9.03
C ARG C 139 -11.54 -10.75 -8.61
N GLY C 140 -11.11 -9.50 -8.78
CA GLY C 140 -11.94 -8.36 -8.42
C GLY C 140 -11.29 -7.32 -7.52
N TRP C 141 -10.14 -7.64 -6.97
CA TRP C 141 -9.47 -6.68 -6.11
C TRP C 141 -9.06 -5.41 -6.85
N GLU C 142 -8.61 -5.59 -8.09
CA GLU C 142 -8.17 -4.49 -8.95
C GLU C 142 -9.22 -3.40 -9.14
N GLN C 143 -10.48 -3.79 -9.33
CA GLN C 143 -11.55 -2.80 -9.49
C GLN C 143 -11.81 -2.07 -8.19
N PHE C 144 -11.66 -2.76 -7.06
CA PHE C 144 -11.88 -2.12 -5.76
C PHE C 144 -10.77 -1.10 -5.47
N THR C 145 -9.51 -1.52 -5.64
CA THR C 145 -8.42 -0.60 -5.38
C THR C 145 -8.41 0.52 -6.43
N ASP C 146 -9.05 0.28 -7.59
CA ASP C 146 -9.16 1.31 -8.61
C ASP C 146 -10.11 2.38 -8.06
N ALA C 147 -11.15 1.94 -7.37
CA ALA C 147 -12.13 2.84 -6.78
C ALA C 147 -11.47 3.73 -5.73
N VAL C 148 -10.53 3.16 -4.97
CA VAL C 148 -9.79 3.90 -3.94
C VAL C 148 -8.91 4.99 -4.60
N VAL C 149 -8.16 4.59 -5.62
CA VAL C 149 -7.28 5.50 -6.34
C VAL C 149 -8.07 6.60 -7.04
N SER C 150 -9.18 6.22 -7.65
CA SER C 150 -10.05 7.16 -8.36
C SER C 150 -10.65 8.23 -7.44
N TRP C 151 -11.06 7.83 -6.24
CA TRP C 151 -11.65 8.78 -5.30
C TRP C 151 -10.59 9.79 -4.88
N LEU C 152 -9.39 9.29 -4.56
CA LEU C 152 -8.29 10.15 -4.15
C LEU C 152 -7.88 11.09 -5.27
N ASN C 153 -7.92 10.59 -6.50
CA ASN C 153 -7.55 11.41 -7.66
C ASN C 153 -8.49 12.61 -7.82
N GLN C 154 -9.79 12.37 -7.70
CA GLN C 154 -10.78 13.43 -7.86
C GLN C 154 -11.01 14.35 -6.67
N ASN C 155 -10.90 13.81 -5.45
CA ASN C 155 -11.16 14.62 -4.25
C ASN C 155 -9.95 15.22 -3.54
N SER C 156 -8.75 14.86 -3.97
CA SER C 156 -7.55 15.38 -3.35
C SER C 156 -6.72 16.17 -4.36
N ASN C 157 -5.65 16.80 -3.90
CA ASN C 157 -4.78 17.56 -4.78
C ASN C 157 -3.33 17.39 -4.38
N GLY C 158 -2.45 17.43 -5.37
CA GLY C 158 -1.03 17.29 -5.13
C GLY C 158 -0.58 16.08 -4.35
N LEU C 159 -1.26 14.95 -4.54
CA LEU C 159 -0.86 13.73 -3.85
C LEU C 159 0.40 13.23 -4.53
N VAL C 160 1.15 12.38 -3.85
CA VAL C 160 2.36 11.79 -4.41
C VAL C 160 2.13 10.28 -4.43
N PHE C 161 2.01 9.70 -5.61
CA PHE C 161 1.79 8.26 -5.73
C PHE C 161 3.11 7.57 -6.04
N LEU C 162 3.41 6.51 -5.29
CA LEU C 162 4.62 5.73 -5.49
C LEU C 162 4.17 4.34 -5.94
N LEU C 163 4.22 4.12 -7.26
CA LEU C 163 3.80 2.84 -7.85
C LEU C 163 5.00 1.92 -8.01
N TRP C 164 5.08 0.91 -7.16
CA TRP C 164 6.19 -0.02 -7.18
C TRP C 164 5.80 -1.34 -7.83
N GLY C 165 6.36 -1.61 -9.00
CA GLY C 165 6.04 -2.85 -9.70
C GLY C 165 5.02 -2.69 -10.81
N SER C 166 5.04 -3.62 -11.76
CA SER C 166 4.13 -3.59 -12.90
C SER C 166 2.65 -3.57 -12.56
N TYR C 167 2.25 -4.37 -11.58
CA TYR C 167 0.84 -4.44 -11.19
C TYR C 167 0.32 -3.15 -10.54
N ALA C 168 1.11 -2.56 -9.64
CA ALA C 168 0.72 -1.30 -9.00
C ALA C 168 0.65 -0.22 -10.08
N GLN C 169 1.59 -0.27 -11.03
CA GLN C 169 1.66 0.70 -12.11
C GLN C 169 0.48 0.66 -13.06
N LYS C 170 -0.37 -0.36 -12.95
CA LYS C 170 -1.54 -0.44 -13.82
C LYS C 170 -2.52 0.67 -13.44
N LYS C 171 -2.35 1.22 -12.24
CA LYS C 171 -3.23 2.29 -11.76
C LYS C 171 -2.80 3.69 -12.19
N GLY C 172 -1.63 3.79 -12.81
CA GLY C 172 -1.15 5.09 -13.26
C GLY C 172 -2.09 5.84 -14.19
N SER C 173 -2.79 5.12 -15.07
CA SER C 173 -3.70 5.75 -16.02
C SER C 173 -4.91 6.45 -15.38
N ALA C 174 -5.20 6.11 -14.13
CA ALA C 174 -6.33 6.71 -13.42
C ALA C 174 -5.93 7.95 -12.63
N ILE C 175 -4.66 8.32 -12.70
CA ILE C 175 -4.14 9.47 -11.98
C ILE C 175 -3.84 10.66 -12.88
N ASP C 176 -4.45 11.81 -12.57
CA ASP C 176 -4.23 13.03 -13.34
C ASP C 176 -2.78 13.43 -13.09
N ARG C 177 -1.90 13.18 -14.06
CA ARG C 177 -0.48 13.49 -13.90
C ARG C 177 -0.13 14.96 -13.76
N LYS C 178 -1.13 15.82 -13.86
CA LYS C 178 -0.93 17.26 -13.73
C LYS C 178 -1.33 17.71 -12.32
N ARG C 179 -2.39 17.10 -11.78
CA ARG C 179 -2.88 17.42 -10.43
C ARG C 179 -2.08 16.70 -9.35
N HIS C 180 -1.59 15.50 -9.66
CA HIS C 180 -0.82 14.70 -8.70
C HIS C 180 0.52 14.30 -9.31
N HIS C 181 1.38 13.75 -8.46
CA HIS C 181 2.73 13.33 -8.85
C HIS C 181 2.84 11.83 -8.75
N VAL C 182 3.22 11.20 -9.86
CA VAL C 182 3.35 9.76 -9.91
C VAL C 182 4.81 9.39 -10.12
N LEU C 183 5.36 8.65 -9.16
CA LEU C 183 6.74 8.18 -9.23
C LEU C 183 6.63 6.67 -9.39
N GLN C 184 7.33 6.12 -10.38
CA GLN C 184 7.27 4.70 -10.68
C GLN C 184 8.64 4.04 -10.71
N THR C 185 8.75 2.86 -10.08
CA THR C 185 10.01 2.12 -10.08
C THR C 185 9.73 0.64 -9.89
N ALA C 186 10.77 -0.18 -9.93
CA ALA C 186 10.60 -1.63 -9.77
C ALA C 186 10.16 -1.97 -8.36
N HIS C 187 9.55 -3.15 -8.21
CA HIS C 187 9.09 -3.64 -6.91
C HIS C 187 10.33 -3.92 -6.03
N PRO C 188 10.25 -3.61 -4.72
CA PRO C 188 11.39 -3.85 -3.82
C PRO C 188 11.75 -5.31 -3.49
N SER C 189 10.96 -6.25 -3.98
CA SER C 189 11.26 -7.66 -3.74
C SER C 189 12.63 -7.99 -4.34
N PRO C 190 13.40 -8.88 -3.69
CA PRO C 190 14.72 -9.23 -4.22
C PRO C 190 14.67 -9.66 -5.69
N LEU C 191 13.57 -10.29 -6.08
CA LEU C 191 13.40 -10.76 -7.46
C LEU C 191 13.32 -9.63 -8.49
N SER C 192 13.22 -8.38 -8.04
CA SER C 192 13.13 -7.24 -8.96
C SER C 192 13.78 -5.92 -8.52
N VAL C 193 14.23 -5.85 -7.26
CA VAL C 193 14.81 -4.62 -6.72
C VAL C 193 15.94 -4.02 -7.55
N TYR C 194 16.76 -4.87 -8.15
CA TYR C 194 17.90 -4.44 -8.98
C TYR C 194 17.47 -3.76 -10.28
N ARG C 195 16.19 -3.87 -10.64
CA ARG C 195 15.69 -3.25 -11.87
C ARG C 195 15.39 -1.77 -11.70
N GLY C 196 15.90 -1.16 -10.62
CA GLY C 196 15.68 0.26 -10.43
C GLY C 196 15.23 0.77 -9.07
N PHE C 197 14.70 -0.09 -8.20
CA PHE C 197 14.25 0.37 -6.89
C PHE C 197 15.39 0.99 -6.10
N PHE C 198 16.55 0.34 -6.11
CA PHE C 198 17.71 0.88 -5.40
C PHE C 198 18.15 2.10 -6.20
N GLY C 199 18.18 3.26 -5.57
CA GLY C 199 18.59 4.48 -6.26
C GLY C 199 17.43 5.33 -6.76
N CYS C 200 16.19 4.84 -6.60
CA CYS C 200 15.01 5.58 -7.05
C CYS C 200 14.76 6.87 -6.26
N ARG C 201 15.27 6.93 -5.03
CA ARG C 201 15.14 8.10 -4.18
C ARG C 201 13.71 8.64 -4.07
N HIS C 202 12.74 7.74 -3.97
CA HIS C 202 11.33 8.15 -3.88
C HIS C 202 10.94 8.84 -2.58
N PHE C 203 11.62 8.50 -1.49
CA PHE C 203 11.32 9.07 -0.18
C PHE C 203 11.73 10.53 -0.09
N SER C 204 12.94 10.84 -0.53
CA SER C 204 13.41 12.22 -0.53
C SER C 204 12.64 13.02 -1.60
N LYS C 205 12.39 12.38 -2.75
CA LYS C 205 11.66 13.02 -3.82
C LYS C 205 10.23 13.33 -3.41
N THR C 206 9.61 12.43 -2.64
CA THR C 206 8.25 12.62 -2.17
C THR C 206 8.15 13.88 -1.30
N ASN C 207 9.11 14.06 -0.40
CA ASN C 207 9.10 15.21 0.49
C ASN C 207 9.40 16.52 -0.23
N GLU C 208 10.19 16.46 -1.29
CA GLU C 208 10.51 17.66 -2.07
C GLU C 208 9.22 18.16 -2.73
N LEU C 209 8.43 17.24 -3.27
CA LEU C 209 7.16 17.58 -3.91
C LEU C 209 6.15 18.12 -2.89
N LEU C 210 6.12 17.51 -1.71
CA LEU C 210 5.21 17.94 -0.65
C LEU C 210 5.58 19.34 -0.16
N GLN C 211 6.85 19.55 0.15
CA GLN C 211 7.29 20.86 0.63
C GLN C 211 7.15 21.94 -0.43
N LYS C 212 7.26 21.56 -1.70
CA LYS C 212 7.12 22.50 -2.80
C LYS C 212 5.68 23.01 -2.85
N SER C 213 4.73 22.13 -2.57
CA SER C 213 3.33 22.51 -2.58
C SER C 213 2.87 22.96 -1.19
N GLY C 214 3.83 23.33 -0.36
CA GLY C 214 3.55 23.81 0.99
C GLY C 214 2.95 22.82 1.97
N LYS C 215 3.24 21.54 1.80
CA LYS C 215 2.71 20.54 2.72
C LYS C 215 3.82 20.02 3.62
N LYS C 216 3.45 19.57 4.82
CA LYS C 216 4.41 19.02 5.77
C LYS C 216 4.96 17.72 5.21
N PRO C 217 6.30 17.58 5.15
CA PRO C 217 6.91 16.36 4.63
C PRO C 217 6.70 15.16 5.55
N ILE C 218 6.95 13.97 5.04
CA ILE C 218 6.80 12.76 5.83
C ILE C 218 8.10 12.55 6.60
N ASP C 219 7.99 12.22 7.88
CA ASP C 219 9.17 11.92 8.69
C ASP C 219 9.28 10.40 8.56
N TRP C 220 10.17 9.95 7.68
CA TRP C 220 10.34 8.53 7.42
C TRP C 220 10.93 7.73 8.57
N LYS C 221 11.52 8.42 9.53
CA LYS C 221 12.09 7.72 10.68
C LYS C 221 11.03 7.59 11.79
N GLU C 222 9.87 8.21 11.60
CA GLU C 222 8.81 8.14 12.59
C GLU C 222 8.01 6.83 12.48
N LEU C 223 8.58 5.77 13.05
CA LEU C 223 7.98 4.44 13.05
C LEU C 223 7.88 3.89 14.48
N1 URA D . 5.07 -6.83 -1.47
C2 URA D . 3.92 -6.16 -1.82
O2 URA D . 3.65 -5.86 -2.97
N3 URA D . 3.08 -5.85 -0.76
C4 URA D . 3.27 -6.17 0.57
O4 URA D . 2.43 -5.82 1.40
C5 URA D . 4.48 -6.88 0.84
C6 URA D . 5.32 -7.18 -0.16
P PO4 E . -7.69 -18.32 6.92
O1 PO4 E . -8.65 -17.30 7.42
O2 PO4 E . -6.52 -18.38 7.84
O3 PO4 E . -7.23 -17.95 5.56
O4 PO4 E . -8.36 -19.67 6.87
#